data_6QZY
#
_entry.id   6QZY
#
_cell.length_a   86.047
_cell.length_b   92.447
_cell.length_c   162.763
_cell.angle_alpha   90.00
_cell.angle_beta   90.00
_cell.angle_gamma   90.00
#
_symmetry.space_group_name_H-M   'I 2 2 2'
#
loop_
_entity.id
_entity.type
_entity.pdbx_description
1 polymer 'Peptide N-methyltransferase'
2 polymer ASN-GLY-PHE-PRO-TRP-MVA-ILE-MVA-VAL-GLY-PRO-ILE-GLY
3 non-polymer S-ADENOSYL-L-HOMOCYSTEINE
4 non-polymer 'THIOCYANATE ION'
5 non-polymer 'MAGNESIUM ION'
6 water water
#
loop_
_entity_poly.entity_id
_entity_poly.type
_entity_poly.pdbx_seq_one_letter_code
_entity_poly.pdbx_strand_id
1 'polypeptide(L)'
;GTSTQTKAGSLTIVGTGIESIGQMTLQALSYIEAAAKVFYCVIDPATEAFILTKNKNCVDLYQYYDNGKSRLNTYTQMSE
LMVREVRKGLDVVGVFYGHPGVFVNPSHRALAIAKSEGYRARMLPGVSAEDCLFADLCIDPSNPGCLTYEASDFLIRDRP
VSIHSHLVLFQVGCVGIADFNFTGFDNNKFGVLVDRLEQEYGAEHPVVHYIAAMMPHQDPVTDKYTVAQLREPEIAKRVG
GVSTFYIPPKARKASNLDIIRRLELLPAGQVPDKKARIYPANQWEPDVPEVEPYRPSDQAAIAQLADHAPPEQYQPLATS
KAMSDVMTKLALDPKALADYKADHRAFAQSVPDLTPQERAALELGDSWAIRCAMKNMPSSLLDAARESGEEASQNGFPWV
IVVGPIGVIGSVMSTE
;
A
2 'polypeptide(L)' NGFPW(MVA)I(MVA)VGPIGVIGSVMSTE B
#
# COMPACT_ATOMS: atom_id res chain seq x y z
N THR A 6 9.12 -14.70 24.21
CA THR A 6 10.17 -15.22 25.15
C THR A 6 11.50 -15.40 24.43
N LYS A 7 11.49 -15.96 23.21
CA LYS A 7 12.69 -16.42 22.47
C LYS A 7 13.46 -15.22 21.88
N ALA A 8 14.79 -15.22 21.99
CA ALA A 8 15.64 -14.09 21.56
C ALA A 8 15.64 -14.02 20.03
N GLY A 9 15.54 -12.81 19.51
CA GLY A 9 15.67 -12.56 18.06
C GLY A 9 14.34 -12.26 17.45
N SER A 10 14.32 -11.35 16.48
CA SER A 10 13.08 -10.93 15.81
C SER A 10 13.42 -10.50 14.40
N LEU A 11 12.45 -10.65 13.49
CA LEU A 11 12.56 -10.16 12.11
C LEU A 11 11.38 -9.22 11.85
N THR A 12 11.69 -7.97 11.54
CA THR A 12 10.71 -6.97 11.09
C THR A 12 11.09 -6.58 9.68
N ILE A 13 10.19 -6.79 8.72
CA ILE A 13 10.46 -6.38 7.33
C ILE A 13 9.64 -5.13 7.06
N VAL A 14 10.30 -4.11 6.52
CA VAL A 14 9.68 -2.77 6.28
C VAL A 14 9.94 -2.34 4.84
N GLY A 15 9.20 -1.33 4.41
CA GLY A 15 9.34 -0.75 3.07
C GLY A 15 9.91 0.64 3.10
N THR A 16 10.36 1.12 1.95
CA THR A 16 10.80 2.53 1.82
C THR A 16 9.80 3.35 1.01
N GLY A 17 8.74 2.72 0.47
CA GLY A 17 7.96 3.39 -0.57
C GLY A 17 8.77 3.56 -1.84
N ILE A 18 8.24 4.29 -2.82
CA ILE A 18 8.84 4.35 -4.18
C ILE A 18 9.68 5.62 -4.31
N GLU A 19 9.12 6.77 -3.96
CA GLU A 19 9.83 8.07 -4.08
C GLU A 19 10.85 8.19 -2.95
N SER A 20 12.08 8.53 -3.31
CA SER A 20 13.27 8.59 -2.43
C SER A 20 12.95 9.24 -1.09
N ILE A 21 13.10 8.48 0.00
CA ILE A 21 13.10 8.92 1.43
C ILE A 21 11.69 9.30 1.87
N GLY A 22 11.03 10.23 1.15
CA GLY A 22 9.75 10.82 1.57
C GLY A 22 8.64 9.81 1.74
N GLN A 23 8.66 8.69 1.02
CA GLN A 23 7.54 7.71 1.06
C GLN A 23 7.80 6.60 2.08
N MET A 24 8.85 6.72 2.87
CA MET A 24 9.07 5.83 4.03
C MET A 24 8.05 6.22 5.12
N THR A 25 7.48 5.25 5.81
CA THR A 25 6.57 5.53 6.95
C THR A 25 7.40 5.87 8.20
N LEU A 26 6.79 6.62 9.12
CA LEU A 26 7.45 6.96 10.39
C LEU A 26 7.84 5.65 11.11
N GLN A 27 6.98 4.63 11.09
CA GLN A 27 7.28 3.39 11.84
C GLN A 27 8.42 2.64 11.14
N ALA A 28 8.47 2.62 9.80
CA ALA A 28 9.60 1.97 9.08
C ALA A 28 10.91 2.60 9.56
N LEU A 29 10.96 3.93 9.58
CA LEU A 29 12.17 4.68 10.04
C LEU A 29 12.50 4.28 11.50
N SER A 30 11.52 4.27 12.39
CA SER A 30 11.77 3.96 13.83
C SER A 30 12.35 2.54 13.98
N TYR A 31 11.88 1.56 13.20
CA TYR A 31 12.40 0.16 13.30
C TYR A 31 13.81 0.10 12.69
N ILE A 32 14.06 0.81 11.59
CA ILE A 32 15.44 0.86 11.01
C ILE A 32 16.39 1.43 12.07
N GLU A 33 15.99 2.48 12.77
CA GLU A 33 16.87 3.10 13.81
C GLU A 33 17.11 2.14 14.98
N ALA A 34 16.08 1.38 15.40
CA ALA A 34 16.11 0.49 16.59
C ALA A 34 16.86 -0.82 16.33
N ALA A 35 16.99 -1.24 15.07
CA ALA A 35 17.51 -2.58 14.69
C ALA A 35 18.96 -2.78 15.17
N ALA A 36 19.31 -4.02 15.50
CA ALA A 36 20.71 -4.45 15.71
C ALA A 36 21.41 -4.59 14.35
N LYS A 37 20.70 -5.08 13.33
N LYS A 37 20.71 -5.06 13.33
CA LYS A 37 21.21 -5.33 11.95
CA LYS A 37 21.27 -5.20 11.96
C LYS A 37 20.15 -4.91 10.94
C LYS A 37 20.18 -4.94 10.93
N VAL A 38 20.56 -4.25 9.85
CA VAL A 38 19.64 -3.83 8.75
C VAL A 38 20.14 -4.47 7.45
N PHE A 39 19.25 -5.13 6.74
CA PHE A 39 19.50 -5.68 5.38
C PHE A 39 18.59 -4.94 4.42
N TYR A 40 19.10 -4.38 3.34
CA TYR A 40 18.25 -3.52 2.48
C TYR A 40 18.41 -3.85 1.01
N CYS A 41 17.33 -3.59 0.26
CA CYS A 41 17.28 -3.74 -1.20
C CYS A 41 16.45 -2.57 -1.75
N VAL A 42 17.10 -1.50 -2.20
CA VAL A 42 16.38 -0.25 -2.57
C VAL A 42 16.72 0.15 -4.01
N ILE A 43 16.01 1.17 -4.48
CA ILE A 43 15.83 1.55 -5.91
C ILE A 43 16.48 2.92 -6.19
N ASP A 44 17.10 3.57 -5.20
CA ASP A 44 17.86 4.82 -5.46
C ASP A 44 18.91 5.04 -4.38
N PRO A 45 20.03 5.68 -4.74
CA PRO A 45 21.14 5.88 -3.80
C PRO A 45 20.88 6.89 -2.68
N ALA A 46 19.96 7.84 -2.85
CA ALA A 46 19.65 8.81 -1.79
C ALA A 46 18.94 8.06 -0.65
N THR A 47 18.02 7.14 -0.99
CA THR A 47 17.38 6.28 0.05
C THR A 47 18.44 5.41 0.74
N GLU A 48 19.35 4.83 -0.03
CA GLU A 48 20.43 3.99 0.55
C GLU A 48 21.27 4.83 1.52
N ALA A 49 21.70 6.01 1.09
CA ALA A 49 22.52 6.92 1.93
C ALA A 49 21.76 7.27 3.21
N PHE A 50 20.48 7.57 3.09
CA PHE A 50 19.58 7.92 4.22
C PHE A 50 19.58 6.76 5.22
N ILE A 51 19.34 5.53 4.75
CA ILE A 51 19.33 4.33 5.64
C ILE A 51 20.66 4.22 6.39
N LEU A 52 21.78 4.38 5.70
CA LEU A 52 23.12 4.24 6.31
C LEU A 52 23.35 5.32 7.37
N THR A 53 22.67 6.47 7.31
CA THR A 53 22.77 7.52 8.37
C THR A 53 21.95 7.12 9.61
N LYS A 54 21.03 6.15 9.48
CA LYS A 54 20.05 5.82 10.55
C LYS A 54 20.47 4.57 11.33
N ASN A 55 21.37 3.75 10.79
CA ASN A 55 21.84 2.53 11.48
C ASN A 55 23.29 2.26 11.08
N LYS A 56 24.12 1.88 12.05
CA LYS A 56 25.57 1.69 11.86
C LYS A 56 25.88 0.31 11.28
N ASN A 57 24.91 -0.60 11.20
CA ASN A 57 25.13 -2.03 10.84
C ASN A 57 24.18 -2.42 9.71
N CYS A 58 24.49 -2.01 8.49
CA CYS A 58 23.64 -2.25 7.29
C CYS A 58 24.38 -3.11 6.28
N VAL A 59 23.63 -3.97 5.59
CA VAL A 59 24.12 -4.83 4.49
C VAL A 59 23.24 -4.62 3.26
N ASP A 60 23.85 -4.32 2.13
CA ASP A 60 23.12 -4.23 0.84
C ASP A 60 22.87 -5.63 0.29
N LEU A 61 21.62 -6.04 0.18
CA LEU A 61 21.21 -7.34 -0.40
C LEU A 61 21.41 -7.36 -1.91
N TYR A 62 21.51 -6.21 -2.58
CA TYR A 62 21.61 -6.17 -4.07
C TYR A 62 22.89 -6.88 -4.54
N GLN A 63 23.93 -6.94 -3.72
CA GLN A 63 25.22 -7.59 -4.09
C GLN A 63 25.05 -9.10 -4.28
N TYR A 64 23.89 -9.68 -3.94
CA TYR A 64 23.65 -11.15 -4.06
C TYR A 64 22.97 -11.51 -5.38
N TYR A 65 22.67 -10.52 -6.23
CA TYR A 65 22.36 -10.77 -7.66
C TYR A 65 23.67 -11.01 -8.40
N ASP A 66 23.60 -11.71 -9.53
CA ASP A 66 24.74 -11.80 -10.48
C ASP A 66 24.22 -12.16 -11.87
N ASN A 67 25.02 -11.83 -12.89
CA ASN A 67 24.69 -12.13 -14.30
C ASN A 67 24.45 -13.63 -14.46
N GLY A 68 23.32 -14.00 -15.07
CA GLY A 68 22.91 -15.39 -15.36
C GLY A 68 22.62 -16.21 -14.11
N LYS A 69 22.63 -15.60 -12.91
CA LYS A 69 22.31 -16.26 -11.62
C LYS A 69 20.79 -16.25 -11.45
N SER A 70 20.17 -17.43 -11.25
CA SER A 70 18.72 -17.58 -11.02
C SER A 70 18.33 -16.61 -9.92
N ARG A 71 17.27 -15.83 -10.12
CA ARG A 71 16.75 -14.91 -9.07
C ARG A 71 16.33 -15.77 -7.87
N LEU A 72 15.83 -16.99 -8.09
CA LEU A 72 15.43 -17.91 -6.98
C LEU A 72 16.63 -18.15 -6.04
N ASN A 73 17.83 -18.34 -6.57
CA ASN A 73 19.03 -18.57 -5.73
C ASN A 73 19.38 -17.29 -4.95
N THR A 74 19.29 -16.14 -5.60
CA THR A 74 19.47 -14.83 -4.92
C THR A 74 18.46 -14.72 -3.76
N TYR A 75 17.19 -15.04 -3.99
CA TYR A 75 16.11 -14.85 -2.98
C TYR A 75 16.43 -15.75 -1.77
N THR A 76 16.85 -16.99 -2.02
CA THR A 76 17.20 -17.93 -0.93
C THR A 76 18.32 -17.33 -0.07
N GLN A 77 19.34 -16.78 -0.72
CA GLN A 77 20.52 -16.18 -0.04
C GLN A 77 20.08 -14.95 0.76
N MET A 78 19.30 -14.04 0.16
CA MET A 78 18.81 -12.81 0.84
C MET A 78 18.08 -13.22 2.12
N SER A 79 17.15 -14.16 2.02
N SER A 79 17.16 -14.16 2.01
CA SER A 79 16.33 -14.66 3.16
CA SER A 79 16.34 -14.65 3.15
C SER A 79 17.25 -15.26 4.23
C SER A 79 17.27 -15.23 4.23
N GLU A 80 18.25 -16.05 3.82
CA GLU A 80 19.13 -16.75 4.78
C GLU A 80 20.02 -15.75 5.54
N LEU A 81 20.49 -14.70 4.87
CA LEU A 81 21.35 -13.68 5.54
C LEU A 81 20.55 -13.06 6.69
N MET A 82 19.27 -12.80 6.51
CA MET A 82 18.43 -12.17 7.56
C MET A 82 18.15 -13.19 8.67
N VAL A 83 17.72 -14.39 8.33
CA VAL A 83 17.30 -15.41 9.34
C VAL A 83 18.53 -15.85 10.15
N ARG A 84 19.71 -15.95 9.56
CA ARG A 84 20.95 -16.27 10.33
C ARG A 84 21.10 -15.32 11.52
N GLU A 85 20.87 -14.03 11.33
CA GLU A 85 21.08 -13.00 12.39
C GLU A 85 19.94 -13.08 13.41
N VAL A 86 18.73 -13.44 12.97
CA VAL A 86 17.58 -13.69 13.89
C VAL A 86 17.95 -14.85 14.82
N ARG A 87 18.50 -15.93 14.28
CA ARG A 87 18.81 -17.16 15.06
C ARG A 87 19.88 -16.84 16.12
N LYS A 88 20.72 -15.82 15.89
CA LYS A 88 21.79 -15.36 16.83
C LYS A 88 21.19 -14.46 17.92
N GLY A 89 19.89 -14.20 17.89
CA GLY A 89 19.14 -13.46 18.92
C GLY A 89 19.12 -11.96 18.66
N LEU A 90 19.38 -11.51 17.43
CA LEU A 90 19.38 -10.07 17.09
C LEU A 90 17.98 -9.63 16.65
N ASP A 91 17.67 -8.35 16.91
CA ASP A 91 16.50 -7.66 16.31
C ASP A 91 16.92 -7.21 14.92
N VAL A 92 16.47 -7.92 13.90
CA VAL A 92 16.87 -7.74 12.49
C VAL A 92 15.77 -7.00 11.76
N VAL A 93 16.14 -6.02 10.94
CA VAL A 93 15.16 -5.34 10.06
C VAL A 93 15.61 -5.56 8.61
N GLY A 94 14.71 -6.07 7.78
CA GLY A 94 14.88 -6.14 6.33
C GLY A 94 14.13 -4.99 5.70
N VAL A 95 14.71 -4.37 4.68
CA VAL A 95 14.13 -3.15 4.06
C VAL A 95 14.06 -3.43 2.57
N PHE A 96 12.86 -3.35 1.99
CA PHE A 96 12.67 -3.51 0.54
C PHE A 96 11.94 -2.28 0.03
N TYR A 97 12.29 -1.84 -1.14
CA TYR A 97 11.62 -0.64 -1.67
C TYR A 97 10.14 -0.92 -1.92
N GLY A 98 9.38 0.17 -1.89
CA GLY A 98 7.92 0.15 -1.97
C GLY A 98 7.30 -0.49 -0.74
N HIS A 99 6.38 -1.40 -0.97
CA HIS A 99 5.79 -2.31 0.04
C HIS A 99 6.62 -3.58 0.01
N PRO A 100 7.16 -4.02 1.16
CA PRO A 100 8.12 -5.13 1.14
C PRO A 100 7.50 -6.51 0.91
N GLY A 101 6.17 -6.59 0.81
CA GLY A 101 5.44 -7.84 0.54
C GLY A 101 4.70 -7.82 -0.78
N VAL A 102 4.84 -6.75 -1.56
CA VAL A 102 4.13 -6.58 -2.86
C VAL A 102 5.15 -6.85 -3.95
N PHE A 103 5.01 -8.00 -4.61
CA PHE A 103 5.94 -8.44 -5.67
C PHE A 103 7.35 -8.57 -5.07
N VAL A 104 7.47 -9.24 -3.91
CA VAL A 104 8.77 -9.53 -3.26
C VAL A 104 8.75 -10.99 -2.76
N ASN A 105 9.72 -11.80 -3.19
CA ASN A 105 9.83 -13.22 -2.77
C ASN A 105 10.53 -13.35 -1.41
N PRO A 106 11.75 -12.81 -1.21
CA PRO A 106 12.56 -13.14 -0.02
C PRO A 106 12.02 -12.65 1.33
N SER A 107 11.21 -11.59 1.33
CA SER A 107 10.56 -11.10 2.58
C SER A 107 9.62 -12.18 3.11
N HIS A 108 8.68 -12.66 2.28
CA HIS A 108 7.70 -13.70 2.68
C HIS A 108 8.46 -14.96 3.09
N ARG A 109 9.51 -15.33 2.36
CA ARG A 109 10.31 -16.54 2.67
C ARG A 109 10.92 -16.40 4.08
N ALA A 110 11.63 -15.31 4.33
CA ALA A 110 12.38 -15.08 5.59
C ALA A 110 11.42 -15.01 6.77
N LEU A 111 10.28 -14.33 6.60
CA LEU A 111 9.29 -14.22 7.70
C LEU A 111 8.68 -15.59 8.00
N ALA A 112 8.36 -16.40 6.98
CA ALA A 112 7.74 -17.72 7.20
C ALA A 112 8.72 -18.62 7.95
N ILE A 113 10.00 -18.58 7.60
CA ILE A 113 11.05 -19.42 8.26
C ILE A 113 11.17 -18.96 9.71
N ALA A 114 11.33 -17.66 9.95
CA ALA A 114 11.43 -17.06 11.30
C ALA A 114 10.21 -17.46 12.14
N LYS A 115 9.01 -17.32 11.59
CA LYS A 115 7.75 -17.66 12.32
C LYS A 115 7.74 -19.16 12.66
N SER A 116 8.09 -20.01 11.69
CA SER A 116 8.04 -21.50 11.82
C SER A 116 9.02 -21.98 12.89
N GLU A 117 10.11 -21.24 13.14
CA GLU A 117 11.17 -21.59 14.11
C GLU A 117 10.90 -20.94 15.48
N GLY A 118 9.82 -20.15 15.60
CA GLY A 118 9.31 -19.63 16.88
C GLY A 118 9.86 -18.26 17.24
N TYR A 119 10.39 -17.51 16.27
CA TYR A 119 10.85 -16.12 16.49
C TYR A 119 9.72 -15.14 16.18
N ARG A 120 9.78 -13.96 16.78
N ARG A 120 9.74 -13.98 16.84
CA ARG A 120 8.85 -12.84 16.51
CA ARG A 120 8.86 -12.82 16.51
C ARG A 120 9.11 -12.34 15.08
C ARG A 120 9.12 -12.48 15.04
N ALA A 121 8.06 -12.25 14.27
CA ALA A 121 8.16 -12.00 12.82
C ALA A 121 7.01 -11.09 12.42
N ARG A 122 7.30 -9.97 11.79
CA ARG A 122 6.23 -9.04 11.36
C ARG A 122 6.66 -8.35 10.06
N MET A 123 5.71 -8.13 9.19
CA MET A 123 5.87 -7.22 8.04
C MET A 123 5.08 -5.93 8.31
N LEU A 124 5.72 -4.79 8.14
CA LEU A 124 5.07 -3.46 8.17
C LEU A 124 4.81 -3.08 6.73
N PRO A 125 3.56 -2.71 6.40
CA PRO A 125 3.22 -2.33 5.04
C PRO A 125 3.93 -1.02 4.65
N GLY A 126 4.08 -0.83 3.35
CA GLY A 126 4.61 0.40 2.77
C GLY A 126 3.84 0.80 1.54
N VAL A 127 4.23 1.92 0.98
CA VAL A 127 3.61 2.50 -0.24
C VAL A 127 4.17 1.75 -1.46
N SER A 128 3.31 1.05 -2.18
CA SER A 128 3.70 0.27 -3.39
C SER A 128 3.67 1.14 -4.66
N ALA A 129 4.20 0.59 -5.74
CA ALA A 129 4.13 1.22 -7.07
C ALA A 129 2.67 1.35 -7.49
N GLU A 130 1.81 0.41 -7.08
CA GLU A 130 0.38 0.48 -7.42
C GLU A 130 -0.27 1.65 -6.65
N ASP A 131 0.09 1.83 -5.39
CA ASP A 131 -0.36 3.00 -4.59
C ASP A 131 0.03 4.29 -5.33
N CYS A 132 1.28 4.38 -5.80
CA CYS A 132 1.75 5.56 -6.57
C CYS A 132 0.90 5.71 -7.83
N LEU A 133 0.64 4.62 -8.54
CA LEU A 133 -0.14 4.61 -9.80
C LEU A 133 -1.51 5.24 -9.54
N PHE A 134 -2.22 4.83 -8.50
CA PHE A 134 -3.57 5.38 -8.22
C PHE A 134 -3.46 6.90 -8.02
N ALA A 135 -2.45 7.34 -7.26
CA ALA A 135 -2.24 8.77 -6.94
C ALA A 135 -1.92 9.58 -8.19
N ASP A 136 -1.03 9.08 -9.06
CA ASP A 136 -0.50 9.83 -10.22
C ASP A 136 -1.46 9.77 -11.41
N LEU A 137 -2.19 8.67 -11.57
CA LEU A 137 -3.11 8.53 -12.73
C LEU A 137 -4.50 9.02 -12.33
N CYS A 138 -4.70 9.39 -11.06
CA CYS A 138 -5.96 9.96 -10.54
C CYS A 138 -7.10 8.96 -10.77
N ILE A 139 -6.89 7.73 -10.32
CA ILE A 139 -7.93 6.67 -10.37
C ILE A 139 -8.07 6.08 -8.99
N ASP A 140 -9.22 5.49 -8.74
CA ASP A 140 -9.57 4.81 -7.47
C ASP A 140 -9.81 3.36 -7.80
N PRO A 141 -9.11 2.39 -7.17
CA PRO A 141 -9.34 0.97 -7.47
C PRO A 141 -10.81 0.56 -7.28
N SER A 142 -11.54 1.24 -6.39
CA SER A 142 -12.98 0.97 -6.08
C SER A 142 -13.86 1.23 -7.31
N ASN A 143 -13.43 2.11 -8.22
CA ASN A 143 -14.28 2.60 -9.33
C ASN A 143 -13.53 2.39 -10.64
N PRO A 144 -13.67 1.24 -11.35
CA PRO A 144 -14.66 0.20 -11.08
C PRO A 144 -14.14 -1.21 -10.77
N GLY A 145 -13.29 -1.34 -9.75
CA GLY A 145 -12.64 -2.60 -9.37
C GLY A 145 -11.26 -2.68 -10.00
N CYS A 146 -10.36 -3.49 -9.45
CA CYS A 146 -8.96 -3.50 -9.89
C CYS A 146 -8.41 -4.92 -9.92
N LEU A 147 -7.85 -5.31 -11.07
CA LEU A 147 -7.12 -6.59 -11.29
C LEU A 147 -5.63 -6.27 -11.38
N THR A 148 -4.81 -6.95 -10.60
CA THR A 148 -3.35 -6.69 -10.52
C THR A 148 -2.61 -8.00 -10.75
N TYR A 149 -1.72 -8.02 -11.73
CA TYR A 149 -0.93 -9.22 -12.10
C TYR A 149 0.53 -8.88 -12.37
N GLU A 150 1.39 -9.88 -12.19
CA GLU A 150 2.78 -9.94 -12.75
C GLU A 150 2.65 -10.30 -14.25
N ALA A 151 3.30 -9.56 -15.14
CA ALA A 151 3.11 -9.63 -16.61
C ALA A 151 3.41 -11.03 -17.15
N SER A 152 4.49 -11.69 -16.70
CA SER A 152 4.85 -13.05 -17.19
C SER A 152 3.81 -14.06 -16.69
N ASP A 153 3.42 -13.97 -15.42
CA ASP A 153 2.40 -14.86 -14.81
C ASP A 153 1.05 -14.67 -15.53
N PHE A 154 0.71 -13.42 -15.82
CA PHE A 154 -0.51 -13.02 -16.59
C PHE A 154 -0.60 -13.85 -17.87
N LEU A 155 0.53 -13.97 -18.58
CA LEU A 155 0.61 -14.69 -19.89
C LEU A 155 0.67 -16.20 -19.67
N ILE A 156 1.55 -16.68 -18.81
CA ILE A 156 1.86 -18.13 -18.64
C ILE A 156 0.62 -18.84 -18.07
N ARG A 157 -0.11 -18.21 -17.16
CA ARG A 157 -1.31 -18.83 -16.53
C ARG A 157 -2.58 -18.29 -17.21
N ASP A 158 -2.45 -17.50 -18.27
CA ASP A 158 -3.60 -16.96 -19.05
C ASP A 158 -4.62 -16.41 -18.06
N ARG A 159 -4.18 -15.50 -17.18
CA ARG A 159 -5.04 -14.90 -16.12
C ARG A 159 -6.13 -14.07 -16.80
N PRO A 160 -7.38 -14.12 -16.30
CA PRO A 160 -8.48 -13.38 -16.93
C PRO A 160 -8.36 -11.86 -16.79
N VAL A 161 -8.80 -11.12 -17.80
CA VAL A 161 -9.00 -9.65 -17.68
C VAL A 161 -10.50 -9.39 -17.59
N SER A 162 -10.86 -8.26 -16.99
CA SER A 162 -12.23 -7.69 -17.00
C SER A 162 -12.17 -6.36 -17.76
N ILE A 163 -12.86 -6.28 -18.90
CA ILE A 163 -12.92 -5.05 -19.74
C ILE A 163 -13.68 -3.94 -19.00
N HIS A 164 -14.31 -4.25 -17.88
CA HIS A 164 -15.14 -3.30 -17.09
C HIS A 164 -14.39 -2.79 -15.87
N SER A 165 -13.19 -3.30 -15.58
CA SER A 165 -12.41 -2.91 -14.38
C SER A 165 -11.02 -2.42 -14.80
N HIS A 166 -10.32 -1.76 -13.88
CA HIS A 166 -8.88 -1.42 -14.03
C HIS A 166 -8.05 -2.70 -14.19
N LEU A 167 -6.98 -2.62 -14.99
CA LEU A 167 -5.96 -3.70 -15.06
C LEU A 167 -4.59 -3.06 -14.82
N VAL A 168 -3.86 -3.61 -13.88
CA VAL A 168 -2.46 -3.18 -13.59
C VAL A 168 -1.52 -4.37 -13.79
N LEU A 169 -0.48 -4.16 -14.61
CA LEU A 169 0.56 -5.19 -14.89
C LEU A 169 1.93 -4.70 -14.44
N PHE A 170 2.55 -5.42 -13.51
CA PHE A 170 3.93 -5.18 -13.01
C PHE A 170 4.91 -6.00 -13.85
N GLN A 171 6.16 -5.55 -13.93
CA GLN A 171 7.30 -6.34 -14.51
C GLN A 171 7.06 -6.55 -16.01
N VAL A 172 6.49 -5.55 -16.68
CA VAL A 172 6.25 -5.59 -18.15
C VAL A 172 7.57 -5.43 -18.90
N GLY A 173 8.65 -5.01 -18.22
CA GLY A 173 9.99 -4.86 -18.84
C GLY A 173 10.82 -6.13 -18.84
N CYS A 174 10.35 -7.23 -18.24
CA CYS A 174 11.12 -8.50 -18.18
C CYS A 174 10.22 -9.72 -18.41
N VAL A 175 9.44 -9.68 -19.48
CA VAL A 175 8.53 -10.78 -19.91
C VAL A 175 9.35 -12.04 -20.18
N GLY A 176 9.11 -13.11 -19.41
CA GLY A 176 9.69 -14.44 -19.61
C GLY A 176 11.12 -14.57 -19.11
N ILE A 177 11.59 -13.63 -18.27
CA ILE A 177 13.01 -13.59 -17.80
C ILE A 177 13.06 -13.96 -16.31
N ALA A 178 13.74 -15.05 -15.97
CA ALA A 178 13.79 -15.63 -14.60
C ALA A 178 15.16 -15.36 -13.95
N ASP A 179 16.12 -14.84 -14.71
CA ASP A 179 17.49 -14.57 -14.21
C ASP A 179 17.70 -13.05 -14.11
N PHE A 180 18.94 -12.61 -14.26
CA PHE A 180 19.38 -11.25 -13.88
C PHE A 180 20.56 -10.84 -14.77
N ASN A 181 20.64 -9.54 -15.05
CA ASN A 181 21.82 -8.93 -15.71
C ASN A 181 21.96 -7.51 -15.18
N PHE A 182 23.15 -7.11 -14.78
CA PHE A 182 23.40 -5.78 -14.15
C PHE A 182 23.00 -4.67 -15.14
N THR A 183 23.12 -4.92 -16.44
CA THR A 183 22.83 -3.93 -17.53
C THR A 183 21.36 -4.03 -17.99
N GLY A 184 20.51 -4.79 -17.30
CA GLY A 184 19.09 -4.95 -17.65
C GLY A 184 18.90 -5.97 -18.77
N PHE A 185 17.68 -6.09 -19.31
CA PHE A 185 17.38 -7.00 -20.46
C PHE A 185 16.73 -6.22 -21.62
N ASP A 186 16.85 -6.76 -22.83
CA ASP A 186 16.32 -6.15 -24.08
C ASP A 186 14.81 -6.36 -24.15
N ASN A 187 14.27 -7.35 -23.43
CA ASN A 187 12.79 -7.58 -23.33
C ASN A 187 12.30 -8.08 -24.70
N ASN A 188 12.95 -9.12 -25.22
CA ASN A 188 12.75 -9.59 -26.62
C ASN A 188 11.39 -10.27 -26.77
N LYS A 189 10.74 -10.67 -25.68
CA LYS A 189 9.43 -11.39 -25.70
C LYS A 189 8.28 -10.42 -25.38
N PHE A 190 8.53 -9.11 -25.39
CA PHE A 190 7.51 -8.06 -25.12
C PHE A 190 6.33 -8.21 -26.07
N GLY A 191 6.56 -8.61 -27.33
CA GLY A 191 5.52 -8.75 -28.35
C GLY A 191 4.46 -9.78 -27.97
N VAL A 192 4.81 -10.75 -27.12
CA VAL A 192 3.87 -11.80 -26.64
C VAL A 192 2.84 -11.13 -25.73
N LEU A 193 3.28 -10.20 -24.88
CA LEU A 193 2.37 -9.41 -24.01
C LEU A 193 1.46 -8.55 -24.90
N VAL A 194 2.02 -7.84 -25.88
CA VAL A 194 1.23 -6.95 -26.77
C VAL A 194 0.17 -7.78 -27.50
N ASP A 195 0.48 -9.00 -27.92
CA ASP A 195 -0.48 -9.89 -28.62
C ASP A 195 -1.67 -10.18 -27.71
N ARG A 196 -1.40 -10.50 -26.44
CA ARG A 196 -2.46 -10.79 -25.43
C ARG A 196 -3.32 -9.52 -25.26
N LEU A 197 -2.71 -8.35 -25.13
CA LEU A 197 -3.48 -7.09 -24.91
C LEU A 197 -4.36 -6.82 -26.15
N GLU A 198 -3.85 -7.11 -27.35
CA GLU A 198 -4.64 -6.93 -28.60
C GLU A 198 -5.86 -7.86 -28.58
N GLN A 199 -5.67 -9.13 -28.21
CA GLN A 199 -6.77 -10.13 -28.13
C GLN A 199 -7.83 -9.62 -27.15
N GLU A 200 -7.43 -9.12 -25.98
CA GLU A 200 -8.38 -8.81 -24.88
C GLU A 200 -9.07 -7.47 -25.11
N TYR A 201 -8.39 -6.47 -25.70
CA TYR A 201 -8.85 -5.05 -25.69
C TYR A 201 -9.00 -4.46 -27.10
N GLY A 202 -8.28 -4.97 -28.11
CA GLY A 202 -8.26 -4.38 -29.45
C GLY A 202 -7.07 -3.46 -29.67
N ALA A 203 -6.71 -3.25 -30.94
CA ALA A 203 -5.47 -2.55 -31.37
C ALA A 203 -5.51 -1.06 -31.00
N GLU A 204 -6.70 -0.48 -30.86
CA GLU A 204 -6.89 0.98 -30.66
C GLU A 204 -7.10 1.32 -29.17
N HIS A 205 -7.11 0.31 -28.28
CA HIS A 205 -7.38 0.54 -26.84
C HIS A 205 -6.15 1.17 -26.19
N PRO A 206 -6.33 2.16 -25.28
CA PRO A 206 -5.18 2.78 -24.60
C PRO A 206 -4.52 1.88 -23.54
N VAL A 207 -3.18 1.98 -23.48
CA VAL A 207 -2.32 1.39 -22.43
C VAL A 207 -1.48 2.56 -21.88
N VAL A 208 -1.46 2.73 -20.56
CA VAL A 208 -0.68 3.84 -19.95
C VAL A 208 0.63 3.25 -19.46
N HIS A 209 1.75 3.73 -20.02
CA HIS A 209 3.11 3.45 -19.52
C HIS A 209 3.35 4.32 -18.30
N TYR A 210 3.45 3.70 -17.13
CA TYR A 210 3.57 4.42 -15.84
C TYR A 210 4.95 4.15 -15.22
N ILE A 211 5.66 5.23 -14.90
CA ILE A 211 6.85 5.18 -14.02
C ILE A 211 6.69 6.28 -12.98
N ALA A 212 6.51 5.89 -11.72
CA ALA A 212 6.49 6.81 -10.57
C ALA A 212 7.85 7.50 -10.49
N ALA A 213 7.85 8.79 -10.18
CA ALA A 213 9.07 9.57 -9.88
C ALA A 213 9.77 8.90 -8.70
N MET A 214 11.07 8.65 -8.80
CA MET A 214 11.84 8.06 -7.68
C MET A 214 12.60 9.16 -6.95
N MET A 215 12.86 10.29 -7.59
CA MET A 215 13.48 11.43 -6.91
C MET A 215 12.44 12.52 -6.74
N PRO A 216 12.53 13.30 -5.64
CA PRO A 216 11.45 14.21 -5.25
C PRO A 216 11.10 15.28 -6.28
N HIS A 217 12.04 15.69 -7.14
CA HIS A 217 11.84 16.77 -8.14
C HIS A 217 11.33 16.23 -9.48
N GLN A 218 11.41 14.91 -9.70
CA GLN A 218 11.06 14.21 -10.96
C GLN A 218 9.54 14.23 -11.15
N ASP A 219 9.08 14.29 -12.40
CA ASP A 219 7.65 14.07 -12.73
C ASP A 219 7.47 12.60 -13.04
N PRO A 220 6.28 12.02 -12.78
CA PRO A 220 6.02 10.65 -13.18
C PRO A 220 5.90 10.57 -14.70
N VAL A 221 6.19 9.41 -15.27
CA VAL A 221 5.86 9.09 -16.67
C VAL A 221 4.42 8.59 -16.69
N THR A 222 3.54 9.26 -17.44
CA THR A 222 2.11 8.88 -17.60
C THR A 222 1.78 8.93 -19.09
N ASP A 223 2.41 8.07 -19.89
CA ASP A 223 2.39 8.12 -21.38
C ASP A 223 1.36 7.11 -21.91
N LYS A 224 0.28 7.62 -22.49
CA LYS A 224 -0.80 6.82 -23.11
C LYS A 224 -0.38 6.40 -24.52
N TYR A 225 -0.43 5.11 -24.82
CA TYR A 225 -0.22 4.53 -26.17
C TYR A 225 -1.43 3.67 -26.52
N THR A 226 -1.70 3.44 -27.80
CA THR A 226 -2.63 2.38 -28.24
C THR A 226 -1.87 1.05 -28.09
N VAL A 227 -2.60 -0.06 -27.97
CA VAL A 227 -1.98 -1.42 -28.01
C VAL A 227 -1.10 -1.50 -29.27
N ALA A 228 -1.57 -0.98 -30.40
CA ALA A 228 -0.85 -1.02 -31.70
C ALA A 228 0.49 -0.29 -31.60
N GLN A 229 0.55 0.85 -30.90
CA GLN A 229 1.77 1.68 -30.80
C GLN A 229 2.88 0.94 -30.04
N LEU A 230 2.51 0.01 -29.14
CA LEU A 230 3.49 -0.81 -28.36
C LEU A 230 4.33 -1.70 -29.29
N ARG A 231 3.90 -1.89 -30.54
CA ARG A 231 4.65 -2.71 -31.54
C ARG A 231 5.76 -1.89 -32.21
N GLU A 232 5.72 -0.55 -32.09
CA GLU A 232 6.77 0.34 -32.65
C GLU A 232 8.04 0.18 -31.82
N PRO A 233 9.18 -0.20 -32.43
CA PRO A 233 10.43 -0.43 -31.68
C PRO A 233 10.85 0.75 -30.77
N GLU A 234 10.66 1.99 -31.20
CA GLU A 234 11.10 3.20 -30.45
C GLU A 234 10.25 3.37 -29.18
N ILE A 235 9.01 2.86 -29.19
CA ILE A 235 8.09 2.89 -28.02
C ILE A 235 8.38 1.68 -27.13
N ALA A 236 8.45 0.48 -27.70
CA ALA A 236 8.75 -0.78 -26.96
C ALA A 236 10.03 -0.60 -26.13
N LYS A 237 11.03 0.10 -26.69
CA LYS A 237 12.39 0.26 -26.09
C LYS A 237 12.33 1.07 -24.79
N ARG A 238 11.28 1.87 -24.60
CA ARG A 238 11.14 2.80 -23.45
C ARG A 238 10.72 2.03 -22.18
N VAL A 239 10.25 0.80 -22.32
CA VAL A 239 9.75 -0.05 -21.20
C VAL A 239 10.97 -0.72 -20.54
N GLY A 240 11.17 -0.47 -19.24
CA GLY A 240 12.33 -0.95 -18.49
C GLY A 240 11.95 -1.62 -17.18
N GLY A 241 12.91 -1.70 -16.27
CA GLY A 241 12.83 -2.46 -15.00
C GLY A 241 11.81 -1.89 -14.04
N VAL A 242 11.49 -0.60 -14.14
CA VAL A 242 10.57 0.07 -13.16
C VAL A 242 9.29 0.51 -13.89
N SER A 243 9.02 -0.07 -15.07
CA SER A 243 7.81 0.21 -15.89
C SER A 243 6.64 -0.64 -15.42
N THR A 244 5.48 0.00 -15.29
CA THR A 244 4.19 -0.65 -14.97
C THR A 244 3.20 -0.23 -16.05
N PHE A 245 2.29 -1.13 -16.44
CA PHE A 245 1.19 -0.78 -17.36
C PHE A 245 -0.13 -0.68 -16.61
N TYR A 246 -0.88 0.37 -16.93
CA TYR A 246 -2.28 0.56 -16.53
C TYR A 246 -3.14 0.49 -17.78
N ILE A 247 -4.11 -0.42 -17.78
CA ILE A 247 -5.08 -0.55 -18.90
C ILE A 247 -6.46 -0.19 -18.37
N PRO A 248 -7.06 0.93 -18.84
CA PRO A 248 -8.37 1.34 -18.36
C PRO A 248 -9.50 0.46 -18.91
N PRO A 249 -10.67 0.46 -18.25
CA PRO A 249 -11.84 -0.25 -18.77
C PRO A 249 -12.20 0.25 -20.18
N LYS A 250 -12.84 -0.61 -20.99
CA LYS A 250 -13.34 -0.18 -22.32
C LYS A 250 -14.85 0.03 -22.26
N ALA A 251 -15.54 -0.41 -21.20
CA ALA A 251 -17.01 -0.27 -21.08
C ALA A 251 -17.44 -0.15 -19.61
N ARG A 252 -18.62 0.45 -19.39
CA ARG A 252 -19.30 0.48 -18.07
C ARG A 252 -20.22 -0.73 -17.96
N LYS A 253 -20.18 -1.43 -16.83
CA LYS A 253 -20.99 -2.64 -16.59
C LYS A 253 -22.36 -2.20 -16.06
N ALA A 254 -23.43 -2.82 -16.57
CA ALA A 254 -24.82 -2.53 -16.18
C ALA A 254 -25.08 -3.13 -14.79
N SER A 255 -26.11 -2.62 -14.10
CA SER A 255 -26.57 -3.15 -12.81
C SER A 255 -27.49 -4.36 -13.01
N ASN A 256 -27.41 -5.28 -12.05
CA ASN A 256 -28.17 -6.57 -11.98
C ASN A 256 -29.52 -6.26 -11.32
N LEU A 257 -30.64 -6.53 -12.00
CA LEU A 257 -32.00 -6.16 -11.50
C LEU A 257 -32.35 -6.92 -10.21
N ASP A 258 -31.97 -8.20 -10.11
CA ASP A 258 -32.25 -9.07 -8.94
C ASP A 258 -31.57 -8.47 -7.69
N ILE A 259 -30.33 -7.98 -7.83
CA ILE A 259 -29.58 -7.39 -6.70
C ILE A 259 -30.22 -6.05 -6.33
N ILE A 260 -30.53 -5.21 -7.33
CA ILE A 260 -31.24 -3.91 -7.12
C ILE A 260 -32.47 -4.17 -6.24
N ARG A 261 -33.23 -5.22 -6.54
CA ARG A 261 -34.46 -5.60 -5.80
C ARG A 261 -34.14 -6.06 -4.38
N ARG A 262 -33.18 -6.99 -4.24
CA ARG A 262 -32.82 -7.61 -2.93
C ARG A 262 -32.17 -6.58 -2.00
N LEU A 263 -31.47 -5.57 -2.54
CA LEU A 263 -30.84 -4.47 -1.74
C LEU A 263 -31.80 -3.29 -1.60
N GLU A 264 -32.97 -3.35 -2.27
CA GLU A 264 -34.05 -2.35 -2.19
C GLU A 264 -33.51 -0.96 -2.57
N LEU A 265 -32.84 -0.86 -3.73
CA LEU A 265 -32.19 0.39 -4.18
C LEU A 265 -33.16 1.27 -4.96
N LEU A 266 -34.34 0.75 -5.34
CA LEU A 266 -35.35 1.51 -6.13
C LEU A 266 -36.52 1.89 -5.23
N PRO A 267 -36.69 3.21 -4.95
CA PRO A 267 -37.78 3.70 -4.11
C PRO A 267 -39.16 3.25 -4.64
N ALA A 268 -39.40 3.43 -5.94
CA ALA A 268 -40.62 3.02 -6.66
C ALA A 268 -40.25 2.22 -7.91
N GLY A 269 -39.71 2.90 -8.94
CA GLY A 269 -39.46 2.32 -10.28
C GLY A 269 -38.13 2.76 -10.89
N GLN A 270 -38.17 3.22 -12.14
CA GLN A 270 -36.99 3.35 -13.05
C GLN A 270 -36.12 4.55 -12.69
N VAL A 271 -34.98 4.69 -13.39
CA VAL A 271 -34.00 5.81 -13.26
C VAL A 271 -33.45 6.11 -14.66
N PRO A 272 -32.67 7.20 -14.87
CA PRO A 272 -32.05 7.48 -16.17
C PRO A 272 -31.15 6.38 -16.75
N ASP A 273 -29.90 6.22 -16.28
CA ASP A 273 -28.85 5.45 -16.98
C ASP A 273 -27.84 4.83 -16.01
N LYS A 274 -26.94 4.00 -16.54
CA LYS A 274 -25.76 3.39 -15.86
C LYS A 274 -24.50 4.23 -16.14
N LYS A 275 -24.62 5.25 -17.00
CA LYS A 275 -23.48 6.04 -17.56
C LYS A 275 -23.47 7.45 -16.95
N ALA A 276 -24.52 7.85 -16.22
CA ALA A 276 -24.60 9.12 -15.46
C ALA A 276 -23.56 9.09 -14.32
N ARG A 277 -22.28 9.25 -14.67
CA ARG A 277 -21.13 9.00 -13.77
C ARG A 277 -21.09 10.00 -12.62
N ILE A 278 -20.53 9.55 -11.49
CA ILE A 278 -20.08 10.42 -10.37
C ILE A 278 -18.81 11.15 -10.86
N TYR A 279 -18.75 12.46 -10.69
CA TYR A 279 -17.56 13.29 -11.04
C TYR A 279 -16.41 12.94 -10.09
N PRO A 280 -15.16 12.80 -10.54
CA PRO A 280 -14.77 12.91 -11.95
C PRO A 280 -14.69 11.58 -12.70
N ALA A 281 -14.76 11.64 -14.02
CA ALA A 281 -14.60 10.49 -14.92
C ALA A 281 -13.13 10.09 -14.95
N ASN A 282 -12.86 8.82 -15.18
CA ASN A 282 -11.51 8.29 -15.49
C ASN A 282 -11.04 8.92 -16.80
N GLN A 283 -9.99 9.75 -16.76
CA GLN A 283 -9.49 10.52 -17.92
C GLN A 283 -8.78 9.62 -18.93
N TRP A 284 -8.48 8.37 -18.57
CA TRP A 284 -7.71 7.43 -19.43
C TRP A 284 -8.65 6.56 -20.28
N GLU A 285 -9.91 6.40 -19.84
CA GLU A 285 -10.92 5.57 -20.53
C GLU A 285 -11.16 6.15 -21.92
N PRO A 286 -11.28 5.30 -22.97
CA PRO A 286 -11.59 5.80 -24.32
C PRO A 286 -13.04 6.32 -24.37
N ASP A 287 -13.22 7.49 -25.01
CA ASP A 287 -14.55 8.03 -25.40
C ASP A 287 -15.47 8.09 -24.17
N VAL A 288 -15.01 8.69 -23.08
CA VAL A 288 -15.84 8.97 -21.87
C VAL A 288 -16.23 10.46 -21.91
N PRO A 289 -17.53 10.78 -21.72
CA PRO A 289 -17.98 12.17 -21.83
C PRO A 289 -17.51 13.02 -20.64
N GLU A 290 -17.44 14.34 -20.84
CA GLU A 290 -17.25 15.36 -19.79
C GLU A 290 -18.36 15.20 -18.75
N VAL A 291 -18.02 15.08 -17.47
CA VAL A 291 -18.99 14.94 -16.35
C VAL A 291 -19.08 16.31 -15.65
N GLU A 292 -20.30 16.78 -15.38
CA GLU A 292 -20.53 18.09 -14.71
C GLU A 292 -20.17 17.98 -13.24
N PRO A 293 -19.16 18.74 -12.74
CA PRO A 293 -18.85 18.76 -11.31
C PRO A 293 -19.88 19.49 -10.44
N TYR A 294 -20.60 20.47 -10.99
CA TYR A 294 -21.55 21.29 -10.20
C TYR A 294 -22.97 21.12 -10.77
N ARG A 295 -23.54 19.93 -10.60
CA ARG A 295 -24.97 19.65 -10.89
C ARG A 295 -25.82 20.39 -9.86
N PRO A 296 -27.13 20.58 -10.09
CA PRO A 296 -27.99 21.25 -9.11
C PRO A 296 -27.91 20.66 -7.70
N SER A 297 -27.81 19.33 -7.57
CA SER A 297 -27.64 18.60 -6.29
C SER A 297 -26.36 19.07 -5.59
N ASP A 298 -25.27 19.23 -6.34
CA ASP A 298 -23.97 19.71 -5.79
C ASP A 298 -24.14 21.14 -5.29
N GLN A 299 -24.78 22.00 -6.10
CA GLN A 299 -24.97 23.43 -5.75
C GLN A 299 -25.80 23.54 -4.46
N ALA A 300 -26.83 22.69 -4.31
CA ALA A 300 -27.72 22.67 -3.13
C ALA A 300 -26.92 22.27 -1.89
N ALA A 301 -26.06 21.25 -2.00
CA ALA A 301 -25.22 20.75 -0.88
C ALA A 301 -24.29 21.88 -0.43
N ILE A 302 -23.72 22.63 -1.37
CA ILE A 302 -22.75 23.73 -1.09
C ILE A 302 -23.51 24.89 -0.42
N ALA A 303 -24.72 25.23 -0.89
CA ALA A 303 -25.56 26.28 -0.28
C ALA A 303 -25.82 25.98 1.21
N GLN A 304 -25.90 24.69 1.61
CA GLN A 304 -26.21 24.30 3.02
C GLN A 304 -25.01 24.57 3.94
N LEU A 305 -23.80 24.76 3.39
CA LEU A 305 -22.58 25.01 4.21
C LEU A 305 -22.74 26.27 5.07
N ALA A 306 -23.44 27.30 4.56
CA ALA A 306 -23.59 28.60 5.25
C ALA A 306 -24.19 28.41 6.65
N ASP A 307 -25.19 27.55 6.78
CA ASP A 307 -25.96 27.35 8.04
C ASP A 307 -25.51 26.07 8.75
N HIS A 308 -24.42 25.42 8.30
CA HIS A 308 -23.96 24.15 8.89
C HIS A 308 -23.53 24.36 10.34
N ALA A 309 -23.90 23.42 11.20
CA ALA A 309 -23.35 23.25 12.57
C ALA A 309 -23.03 21.77 12.77
N PRO A 310 -22.02 21.43 13.61
CA PRO A 310 -21.70 20.03 13.87
C PRO A 310 -22.94 19.32 14.41
N PRO A 311 -23.33 18.14 13.85
CA PRO A 311 -24.45 17.38 14.40
C PRO A 311 -24.26 17.07 15.89
N GLU A 312 -25.37 16.85 16.59
CA GLU A 312 -25.34 16.61 18.06
C GLU A 312 -24.49 15.37 18.38
N GLN A 313 -24.46 14.37 17.48
CA GLN A 313 -23.80 13.05 17.70
C GLN A 313 -22.33 13.11 17.25
N TYR A 314 -21.85 14.24 16.72
CA TYR A 314 -20.41 14.44 16.38
C TYR A 314 -19.59 14.38 17.67
N GLN A 315 -18.43 13.73 17.63
CA GLN A 315 -17.57 13.51 18.83
C GLN A 315 -16.32 14.35 18.71
N PRO A 316 -16.27 15.57 19.30
CA PRO A 316 -15.06 16.39 19.21
C PRO A 316 -13.90 15.76 19.98
N LEU A 317 -12.68 15.95 19.48
CA LEU A 317 -11.45 15.57 20.21
C LEU A 317 -11.43 16.34 21.54
N ALA A 318 -11.12 15.62 22.62
CA ALA A 318 -11.02 16.18 23.99
C ALA A 318 -9.98 15.35 24.74
N THR A 319 -8.71 15.65 24.47
CA THR A 319 -7.57 14.89 25.02
C THR A 319 -6.66 15.89 25.73
N SER A 320 -5.45 15.45 26.04
CA SER A 320 -4.46 16.21 26.84
C SER A 320 -3.10 16.05 26.17
N LYS A 321 -2.16 16.96 26.46
CA LYS A 321 -0.77 16.84 25.95
C LYS A 321 -0.19 15.50 26.43
N ALA A 322 -0.44 15.11 27.68
CA ALA A 322 0.18 13.91 28.28
C ALA A 322 -0.30 12.67 27.52
N MET A 323 -1.59 12.58 27.20
CA MET A 323 -2.17 11.40 26.51
C MET A 323 -1.72 11.38 25.05
N SER A 324 -1.78 12.51 24.33
N SER A 324 -1.81 12.50 24.35
CA SER A 324 -1.31 12.59 22.92
CA SER A 324 -1.31 12.61 22.95
C SER A 324 0.19 12.27 22.87
C SER A 324 0.17 12.22 22.92
N ASP A 325 0.98 12.75 23.84
CA ASP A 325 2.43 12.42 23.92
C ASP A 325 2.62 10.91 24.07
N VAL A 326 1.87 10.24 24.95
CA VAL A 326 2.14 8.78 25.16
C VAL A 326 1.68 8.00 23.93
N MET A 327 0.54 8.36 23.32
CA MET A 327 0.06 7.62 22.12
C MET A 327 1.06 7.83 20.96
N THR A 328 1.65 9.02 20.85
CA THR A 328 2.69 9.29 19.82
C THR A 328 3.93 8.44 20.12
N LYS A 329 4.35 8.37 21.38
CA LYS A 329 5.55 7.59 21.79
C LYS A 329 5.33 6.10 21.48
N LEU A 330 4.14 5.57 21.72
CA LEU A 330 3.83 4.14 21.45
C LEU A 330 3.95 3.87 19.94
N ALA A 331 3.60 4.85 19.10
CA ALA A 331 3.65 4.72 17.63
C ALA A 331 5.08 4.90 17.12
N LEU A 332 5.92 5.71 17.76
CA LEU A 332 7.21 6.16 17.16
C LEU A 332 8.42 5.57 17.90
N ASP A 333 8.23 4.88 19.02
CA ASP A 333 9.33 4.31 19.85
C ASP A 333 9.05 2.82 20.08
N PRO A 334 9.65 1.92 19.25
CA PRO A 334 9.43 0.48 19.37
C PRO A 334 9.76 -0.09 20.75
N LYS A 335 10.70 0.53 21.47
CA LYS A 335 11.13 0.10 22.83
C LYS A 335 10.02 0.42 23.83
N ALA A 336 9.46 1.64 23.75
CA ALA A 336 8.30 2.07 24.56
C ALA A 336 7.12 1.14 24.29
N LEU A 337 6.84 0.80 23.03
CA LEU A 337 5.71 -0.09 22.66
C LEU A 337 5.94 -1.48 23.27
N ALA A 338 7.14 -2.04 23.13
CA ALA A 338 7.51 -3.35 23.73
C ALA A 338 7.30 -3.30 25.25
N ASP A 339 7.76 -2.24 25.92
CA ASP A 339 7.62 -2.05 27.39
C ASP A 339 6.13 -2.01 27.76
N TYR A 340 5.34 -1.25 27.01
CA TYR A 340 3.88 -1.11 27.24
C TYR A 340 3.21 -2.47 27.07
N LYS A 341 3.53 -3.18 25.98
CA LYS A 341 2.91 -4.50 25.65
C LYS A 341 3.29 -5.56 26.71
N ALA A 342 4.44 -5.41 27.37
CA ALA A 342 4.96 -6.38 28.39
C ALA A 342 4.17 -6.21 29.69
N ASP A 343 3.73 -4.99 30.02
CA ASP A 343 3.04 -4.69 31.30
C ASP A 343 2.29 -3.37 31.17
N HIS A 344 1.04 -3.44 30.71
CA HIS A 344 0.14 -2.27 30.53
C HIS A 344 0.09 -1.45 31.82
N ARG A 345 -0.12 -2.10 32.97
CA ARG A 345 -0.36 -1.41 34.26
C ARG A 345 0.92 -0.68 34.67
N ALA A 346 2.05 -1.38 34.74
CA ALA A 346 3.36 -0.81 35.13
C ALA A 346 3.66 0.40 34.23
N PHE A 347 3.50 0.23 32.92
CA PHE A 347 3.78 1.31 31.93
C PHE A 347 2.84 2.50 32.20
N ALA A 348 1.53 2.24 32.26
CA ALA A 348 0.47 3.27 32.45
C ALA A 348 0.74 4.06 33.73
N GLN A 349 1.13 3.39 34.81
CA GLN A 349 1.28 4.04 36.14
C GLN A 349 2.57 4.88 36.19
N SER A 350 3.50 4.71 35.25
CA SER A 350 4.79 5.45 35.21
C SER A 350 4.76 6.59 34.18
N VAL A 351 3.65 6.77 33.46
CA VAL A 351 3.44 7.93 32.56
C VAL A 351 3.05 9.13 33.42
N PRO A 352 3.84 10.23 33.44
CA PRO A 352 3.47 11.39 34.24
C PRO A 352 2.35 12.20 33.57
N ASP A 353 1.51 12.84 34.39
CA ASP A 353 0.56 13.92 34.00
C ASP A 353 -0.72 13.35 33.38
N LEU A 354 -0.87 12.03 33.26
CA LEU A 354 -2.13 11.42 32.78
C LEU A 354 -3.24 11.74 33.78
N THR A 355 -4.46 11.95 33.29
CA THR A 355 -5.69 12.03 34.12
C THR A 355 -6.02 10.63 34.60
N PRO A 356 -6.82 10.48 35.67
CA PRO A 356 -7.29 9.16 36.08
C PRO A 356 -7.91 8.32 34.95
N GLN A 357 -8.73 8.93 34.09
CA GLN A 357 -9.41 8.20 32.99
C GLN A 357 -8.35 7.71 32.01
N GLU A 358 -7.41 8.58 31.68
CA GLU A 358 -6.32 8.29 30.71
C GLU A 358 -5.51 7.11 31.23
N ARG A 359 -5.11 7.17 32.50
CA ARG A 359 -4.32 6.10 33.16
C ARG A 359 -5.11 4.79 33.09
N ALA A 360 -6.40 4.84 33.43
CA ALA A 360 -7.29 3.65 33.46
C ALA A 360 -7.38 3.02 32.07
N ALA A 361 -7.55 3.84 31.02
CA ALA A 361 -7.70 3.38 29.63
C ALA A 361 -6.42 2.67 29.20
N LEU A 362 -5.26 3.24 29.52
CA LEU A 362 -3.96 2.66 29.11
C LEU A 362 -3.71 1.36 29.90
N GLU A 363 -4.09 1.34 31.18
CA GLU A 363 -3.96 0.14 32.04
C GLU A 363 -4.68 -1.04 31.39
N LEU A 364 -5.89 -0.82 30.87
CA LEU A 364 -6.72 -1.88 30.23
C LEU A 364 -6.12 -2.23 28.86
N GLY A 365 -5.64 -1.23 28.14
CA GLY A 365 -5.10 -1.39 26.77
C GLY A 365 -6.21 -1.57 25.76
N ASP A 366 -7.47 -1.45 26.21
CA ASP A 366 -8.67 -1.61 25.36
C ASP A 366 -8.75 -0.44 24.39
N SER A 367 -8.72 -0.73 23.08
CA SER A 367 -8.78 0.28 22.00
C SER A 367 -10.00 1.18 22.21
N TRP A 368 -11.12 0.64 22.66
CA TRP A 368 -12.38 1.42 22.80
C TRP A 368 -12.26 2.38 23.99
N ALA A 369 -11.69 1.93 25.11
CA ALA A 369 -11.46 2.76 26.33
C ALA A 369 -10.56 3.96 25.97
N ILE A 370 -9.53 3.73 25.17
CA ILE A 370 -8.56 4.79 24.76
C ILE A 370 -9.31 5.81 23.90
N ARG A 371 -10.04 5.34 22.89
CA ARG A 371 -10.84 6.22 22.00
C ARG A 371 -11.78 7.08 22.86
N CYS A 372 -12.47 6.45 23.83
N CYS A 372 -12.45 6.48 23.84
CA CYS A 372 -13.45 7.07 24.76
CA CYS A 372 -13.47 7.18 24.68
C CYS A 372 -12.77 8.16 25.61
C CYS A 372 -12.80 8.14 25.68
N ALA A 373 -11.51 7.96 26.01
CA ALA A 373 -10.75 8.90 26.87
C ALA A 373 -10.27 10.15 26.10
N MET A 374 -10.26 10.08 24.76
CA MET A 374 -9.66 11.12 23.89
C MET A 374 -10.73 11.88 23.12
N LYS A 375 -11.99 11.46 23.20
CA LYS A 375 -13.12 12.04 22.42
C LYS A 375 -14.31 12.26 23.35
N ASN A 376 -15.00 13.39 23.18
N ASN A 376 -15.06 13.34 23.16
CA ASN A 376 -16.23 13.71 23.94
CA ASN A 376 -16.33 13.57 23.91
C ASN A 376 -17.38 12.89 23.34
C ASN A 376 -17.44 12.85 23.13
N MET A 377 -18.02 12.07 24.17
N MET A 377 -17.71 11.59 23.50
CA MET A 377 -19.21 11.28 23.77
CA MET A 377 -18.64 10.65 22.81
C MET A 377 -20.45 12.05 24.24
C MET A 377 -20.06 10.78 23.33
N PRO A 378 -21.14 12.76 23.31
N PRO A 378 -21.06 10.84 22.43
CA PRO A 378 -22.37 13.47 23.66
CA PRO A 378 -22.47 10.83 22.84
C PRO A 378 -23.47 12.47 24.09
C PRO A 378 -22.86 9.51 23.50
N SER A 379 -24.36 12.90 25.00
N SER A 379 -23.80 9.53 24.44
CA SER A 379 -25.49 12.09 25.50
CA SER A 379 -24.31 8.33 25.14
C SER A 379 -26.28 11.53 24.32
C SER A 379 -24.88 7.36 24.09
N SER A 380 -26.50 12.36 23.28
N SER A 380 -25.53 7.88 23.06
CA SER A 380 -27.28 12.00 22.07
CA SER A 380 -26.18 7.10 21.96
C SER A 380 -26.71 10.74 21.43
C SER A 380 -25.13 6.21 21.29
N LEU A 381 -25.38 10.61 21.36
N LEU A 381 -23.92 6.73 21.10
CA LEU A 381 -24.71 9.49 20.68
CA LEU A 381 -22.80 6.01 20.47
C LEU A 381 -25.26 8.15 21.19
C LEU A 381 -22.24 4.96 21.45
N LEU A 382 -25.58 8.06 22.49
N LEU A 382 -22.05 5.35 22.71
CA LEU A 382 -26.26 6.87 23.07
CA LEU A 382 -21.49 4.47 23.76
C LEU A 382 -26.11 5.70 22.09
C LEU A 382 -22.42 3.26 23.94
N ASP A 383 -24.87 5.43 21.65
N ASP A 383 -23.73 3.51 24.03
CA ASP A 383 -24.56 4.44 20.58
CA ASP A 383 -24.77 2.44 24.15
C ASP A 383 -24.83 3.02 21.09
C ASP A 383 -24.64 1.48 22.95
N ALA A 384 -24.47 2.01 20.29
N ALA A 384 -24.63 2.02 21.73
CA ALA A 384 -24.67 0.57 20.56
CA ALA A 384 -24.56 1.24 20.47
C ALA A 384 -23.31 -0.11 20.74
C ALA A 384 -23.32 0.33 20.48
N ALA A 385 -22.23 0.68 20.83
N ALA A 385 -22.17 0.85 20.93
CA ALA A 385 -20.84 0.21 20.95
CA ALA A 385 -20.89 0.12 20.98
C ALA A 385 -20.74 -0.81 22.11
C ALA A 385 -20.98 -0.99 22.04
N ARG A 386 -21.64 -0.70 23.08
N ARG A 386 -21.59 -0.68 23.18
CA ARG A 386 -21.71 -1.58 24.28
CA ARG A 386 -21.73 -1.60 24.35
C ARG A 386 -22.61 -2.80 23.98
C ARG A 386 -22.60 -2.81 23.96
N GLU A 387 -23.76 -2.57 23.33
CA GLU A 387 -24.75 -3.62 22.94
C GLU A 387 -24.11 -4.66 22.01
N ASN B 1 15.84 5.65 -19.15
CA ASN B 1 16.87 4.71 -19.70
C ASN B 1 16.58 3.27 -19.21
N GLY B 2 15.45 3.05 -18.51
CA GLY B 2 14.98 1.71 -18.10
C GLY B 2 15.62 1.21 -16.82
N PHE B 3 16.56 1.99 -16.23
CA PHE B 3 17.20 1.69 -14.93
C PHE B 3 16.38 2.35 -13.82
N PRO B 4 16.46 1.88 -12.56
CA PRO B 4 17.20 0.68 -12.20
C PRO B 4 16.49 -0.64 -12.53
N TRP B 5 17.14 -1.77 -12.22
CA TRP B 5 16.64 -3.16 -12.44
C TRP B 5 16.63 -3.87 -11.10
N ILE B 7 14.44 -6.39 -9.45
CA ILE B 7 13.31 -7.34 -9.64
C ILE B 7 13.39 -8.35 -8.49
N VAL B 9 10.86 -10.64 -7.38
CA VAL B 9 9.84 -11.73 -7.44
C VAL B 9 9.86 -12.32 -8.85
N GLY B 10 9.43 -13.57 -8.97
CA GLY B 10 9.37 -14.28 -10.26
C GLY B 10 10.60 -15.18 -10.40
N PRO B 11 10.45 -16.40 -10.95
CA PRO B 11 9.15 -16.92 -11.38
C PRO B 11 8.19 -17.11 -10.19
N ILE B 12 6.89 -17.10 -10.47
CA ILE B 12 5.80 -17.14 -9.44
C ILE B 12 5.33 -18.59 -9.26
N GLY B 13 5.55 -19.45 -10.26
CA GLY B 13 5.25 -20.90 -10.22
C GLY B 13 6.47 -21.75 -10.53
#